data_6Z2A
#
_entry.id   6Z2A
#
_cell.length_a   92.444
_cell.length_b   110.288
_cell.length_c   70.684
_cell.angle_alpha   90.00
_cell.angle_beta   90.00
_cell.angle_gamma   90.00
#
_symmetry.space_group_name_H-M   'P 21 21 2'
#
loop_
_entity.id
_entity.type
_entity.pdbx_description
1 polymer 'Histone-lysine N-methyltransferase, H3 lysine-9 specific'
2 polymer 'Histone-lysine N-methyltransferase, H3 lysine-9 specific'
3 non-polymer 'ZINC ION'
4 non-polymer S-ADENOSYL-L-HOMOCYSTEINE
5 non-polymer 'MAGNESIUM ION'
6 water water
#
loop_
_entity_poly.entity_id
_entity_poly.type
_entity_poly.pdbx_seq_one_letter_code
_entity_poly.pdbx_strand_id
1 'polypeptide(L)'
;DSYTHLSFYEKRELFRKKLREIEGPEVTLVNEVDDEPCPSLDFQFISQYRLTQGVIPPDPNAQSGCNCSSLGGCDLNNPS
RCECLDDLDEPTHFAYDAQGRVRADTGAVIYECNSACSCSMECPNRVVQRGRTLPLEIFKTKEKGWGVRSLRFAPAGTFI
TCYLGEVITSAEAAKRDKNYDDDGITYLFDLDMFDDASEYTVDAQNYGDVSRFFNHSCSPNIAIYSAVRNHGARTIYDLA
FFAIKDIQPLEELTFDYAGAKDFSPVQSQKSQQNRISKLRRQCKCGSANCRGWLFG
;
A
2 'polypeptide(L)'
;SYTHLSFYEKRELFRKKLREIEGPEVTLVNEVDDEPCPSLDFQFISQYRLTQGVIPPDPNAQSGCNCSSLGGCDLNNPSR
CECLDDLDEPTHFAYDAQGRVRADTGAVIYECNSACSCSMECPNRVVQRGRTLPLEIFKTKEKGWGVRSLRFAPAGTFIT
CYLGEVITSAEAAKRDKNYDDDGITYLFDLDMFDDASEYTVDAQNYGDVSRFFNHSCSPNIAIYSAVRNHGARTIYDLAF
FAIKDIQPLEELTFDYAGAKDFSPVQSQKSQQNRISKLRRQCKCGSANCRGWLF
;
B
#
loop_
_chem_comp.id
_chem_comp.type
_chem_comp.name
_chem_comp.formula
MG non-polymer 'MAGNESIUM ION' 'Mg 2'
SAH non-polymer S-ADENOSYL-L-HOMOCYSTEINE 'C14 H20 N6 O5 S'
ZN non-polymer 'ZINC ION' 'Zn 2'
#
# COMPACT_ATOMS: atom_id res chain seq x y z
N ASP A 1 -15.86 -19.97 1.00
CA ASP A 1 -16.99 -19.24 1.65
C ASP A 1 -16.75 -17.73 1.57
N SER A 2 -17.81 -16.93 1.74
CA SER A 2 -17.73 -15.45 1.86
C SER A 2 -17.24 -15.05 3.27
N TYR A 3 -17.59 -15.85 4.28
CA TYR A 3 -17.16 -15.71 5.70
C TYR A 3 -17.66 -14.39 6.29
N THR A 4 -18.86 -13.94 5.92
CA THR A 4 -19.44 -12.63 6.32
C THR A 4 -19.65 -12.55 7.84
N HIS A 5 -19.90 -13.69 8.48
CA HIS A 5 -20.12 -13.83 9.94
C HIS A 5 -18.81 -13.63 10.72
N LEU A 6 -17.66 -13.63 10.01
CA LEU A 6 -16.32 -13.35 10.60
C LEU A 6 -15.96 -11.89 10.32
N SER A 7 -15.47 -11.17 11.34
CA SER A 7 -15.04 -9.76 11.25
C SER A 7 -13.62 -9.67 10.69
N PHE A 8 -13.25 -8.47 10.22
CA PHE A 8 -11.88 -8.14 9.75
C PHE A 8 -10.85 -8.77 10.69
N TYR A 9 -10.96 -8.53 12.00
CA TYR A 9 -10.00 -9.02 13.03
C TYR A 9 -10.01 -10.55 13.12
N GLU A 10 -11.20 -11.15 13.14
CA GLU A 10 -11.36 -12.62 13.29
C GLU A 10 -10.70 -13.33 12.11
N LYS A 11 -11.05 -12.92 10.89
CA LYS A 11 -10.50 -13.43 9.60
C LYS A 11 -8.97 -13.32 9.57
N ARG A 12 -8.45 -12.12 9.84
CA ARG A 12 -6.99 -11.85 9.79
C ARG A 12 -6.29 -12.72 10.85
N GLU A 13 -6.85 -12.79 12.07
CA GLU A 13 -6.26 -13.58 13.18
C GLU A 13 -6.25 -15.07 12.78
N LEU A 14 -7.28 -15.51 12.07
CA LEU A 14 -7.37 -16.93 11.64
C LEU A 14 -6.30 -17.22 10.58
N PHE A 15 -6.01 -16.28 9.69
CA PHE A 15 -4.95 -16.48 8.66
C PHE A 15 -3.58 -16.48 9.34
N ARG A 16 -3.41 -15.66 10.37
CA ARG A 16 -2.15 -15.62 11.15
C ARG A 16 -1.94 -16.95 11.86
N LYS A 17 -2.97 -17.43 12.56
CA LYS A 17 -2.97 -18.74 13.26
C LYS A 17 -2.50 -19.82 12.29
N LYS A 18 -3.06 -19.79 11.08
CA LYS A 18 -2.80 -20.74 9.98
C LYS A 18 -1.32 -20.69 9.59
N LEU A 19 -0.75 -19.50 9.54
CA LEU A 19 0.68 -19.30 9.21
C LEU A 19 1.54 -19.89 10.33
N ARG A 20 1.21 -19.62 11.59
CA ARG A 20 1.97 -20.09 12.78
C ARG A 20 2.14 -21.62 12.74
N GLU A 21 1.14 -22.34 12.22
CA GLU A 21 1.13 -23.82 12.24
C GLU A 21 2.02 -24.40 11.13
N ILE A 22 2.65 -23.57 10.30
CA ILE A 22 3.65 -24.03 9.30
C ILE A 22 4.95 -24.39 10.01
N GLU A 23 5.50 -25.54 9.69
CA GLU A 23 6.82 -26.00 10.23
C GLU A 23 7.93 -25.24 9.50
N GLY A 24 9.12 -25.21 10.08
CA GLY A 24 10.25 -24.43 9.57
C GLY A 24 10.01 -22.94 9.81
N PRO A 25 10.84 -22.08 9.17
CA PRO A 25 10.96 -20.67 9.59
C PRO A 25 9.65 -19.89 9.45
N GLU A 26 9.51 -18.87 10.30
CA GLU A 26 8.31 -18.01 10.49
C GLU A 26 7.82 -17.44 9.15
N VAL A 27 6.50 -17.45 8.96
CA VAL A 27 5.79 -16.69 7.87
C VAL A 27 4.81 -15.72 8.52
N THR A 28 4.92 -14.45 8.17
CA THR A 28 4.09 -13.33 8.69
C THR A 28 3.16 -12.83 7.58
N LEU A 29 2.12 -12.11 7.98
CA LEU A 29 1.11 -11.49 7.08
C LEU A 29 1.10 -9.98 7.36
N VAL A 30 0.92 -9.17 6.33
CA VAL A 30 0.96 -7.68 6.43
C VAL A 30 0.11 -7.09 5.30
N ASN A 31 -0.72 -6.10 5.63
CA ASN A 31 -1.50 -5.33 4.63
C ASN A 31 -1.54 -3.88 5.09
N GLU A 32 -0.49 -3.12 4.79
CA GLU A 32 -0.43 -1.67 5.06
C GLU A 32 -1.00 -0.91 3.85
N VAL A 33 -1.82 -1.53 3.00
CA VAL A 33 -2.20 -0.97 1.66
C VAL A 33 -3.71 -0.69 1.59
N ASP A 34 -4.52 -1.73 1.77
CA ASP A 34 -6.01 -1.66 1.76
C ASP A 34 -6.50 -2.45 2.98
N ASP A 35 -7.80 -2.75 3.03
CA ASP A 35 -8.41 -3.42 4.21
C ASP A 35 -8.87 -4.84 3.85
N GLU A 36 -8.34 -5.43 2.77
CA GLU A 36 -8.45 -6.89 2.55
C GLU A 36 -7.77 -7.56 3.74
N PRO A 37 -8.51 -8.32 4.58
CA PRO A 37 -7.97 -8.82 5.84
C PRO A 37 -6.89 -9.91 5.69
N CYS A 38 -6.96 -10.69 4.62
CA CYS A 38 -6.08 -11.87 4.37
C CYS A 38 -6.43 -12.55 3.06
N PRO A 39 -5.53 -13.41 2.52
CA PRO A 39 -5.89 -14.32 1.43
C PRO A 39 -6.98 -15.32 1.86
N SER A 40 -7.47 -16.15 0.93
CA SER A 40 -8.54 -17.14 1.19
C SER A 40 -8.20 -17.96 2.45
N LEU A 41 -9.15 -18.07 3.37
CA LEU A 41 -9.02 -18.89 4.59
C LEU A 41 -9.23 -20.37 4.25
N ASP A 42 -9.70 -20.69 3.03
CA ASP A 42 -9.92 -22.08 2.58
C ASP A 42 -8.56 -22.72 2.22
N PHE A 43 -7.67 -21.94 1.61
CA PHE A 43 -6.30 -22.34 1.19
C PHE A 43 -5.57 -23.10 2.31
N GLN A 44 -4.94 -24.23 1.98
CA GLN A 44 -4.20 -25.11 2.93
C GLN A 44 -2.70 -25.08 2.62
N PHE A 45 -1.86 -25.07 3.65
CA PHE A 45 -0.37 -25.07 3.55
C PHE A 45 0.17 -26.49 3.68
N ILE A 46 0.82 -26.98 2.62
CA ILE A 46 1.36 -28.38 2.53
C ILE A 46 2.88 -28.33 2.45
N SER A 47 3.55 -29.40 2.87
CA SER A 47 5.04 -29.53 2.83
C SER A 47 5.48 -30.48 1.69
N GLN A 48 4.56 -30.99 0.87
CA GLN A 48 4.86 -31.81 -0.33
C GLN A 48 3.64 -31.87 -1.27
N TYR A 49 3.84 -32.27 -2.52
CA TYR A 49 2.76 -32.33 -3.54
C TYR A 49 1.57 -33.10 -2.98
N ARG A 50 0.37 -32.56 -3.22
CA ARG A 50 -0.92 -33.21 -2.89
C ARG A 50 -1.44 -33.90 -4.15
N LEU A 51 -1.13 -35.19 -4.30
CA LEU A 51 -1.48 -35.95 -5.52
C LEU A 51 -2.98 -36.13 -5.62
N THR A 52 -3.50 -36.26 -6.84
CA THR A 52 -4.95 -36.39 -7.17
C THR A 52 -5.19 -37.61 -8.06
N GLN A 53 -6.41 -37.72 -8.58
CA GLN A 53 -6.93 -38.93 -9.27
C GLN A 53 -6.36 -39.02 -10.69
N GLY A 54 -5.77 -40.16 -11.02
CA GLY A 54 -5.20 -40.44 -12.35
C GLY A 54 -3.71 -40.12 -12.43
N VAL A 55 -3.16 -39.55 -11.36
CA VAL A 55 -1.72 -39.15 -11.29
C VAL A 55 -0.93 -40.30 -10.70
N ILE A 56 -0.09 -40.92 -11.53
CA ILE A 56 0.80 -42.06 -11.19
C ILE A 56 2.11 -41.49 -10.67
N PRO A 57 2.46 -41.71 -9.39
CA PRO A 57 3.69 -41.15 -8.81
C PRO A 57 4.90 -41.97 -9.23
N PRO A 58 6.14 -41.49 -9.01
CA PRO A 58 7.33 -42.26 -9.38
C PRO A 58 7.37 -43.58 -8.58
N ASP A 59 7.75 -44.67 -9.26
CA ASP A 59 7.77 -46.04 -8.67
C ASP A 59 9.01 -46.15 -7.78
N PRO A 60 8.86 -46.45 -6.47
CA PRO A 60 10.02 -46.58 -5.58
C PRO A 60 10.90 -47.79 -5.91
N ASN A 61 10.42 -48.70 -6.78
CA ASN A 61 11.18 -49.85 -7.32
C ASN A 61 12.24 -49.39 -8.32
N ALA A 62 12.08 -48.21 -8.94
CA ALA A 62 13.02 -47.63 -9.92
C ALA A 62 14.07 -46.76 -9.21
N GLN A 63 13.95 -46.61 -7.88
CA GLN A 63 14.86 -45.78 -7.05
C GLN A 63 16.24 -46.44 -6.96
N SER A 64 17.29 -45.64 -7.14
CA SER A 64 18.70 -45.99 -6.84
C SER A 64 19.33 -44.80 -6.11
N GLY A 65 20.44 -45.03 -5.42
CA GLY A 65 21.14 -44.00 -4.63
C GLY A 65 22.65 -44.11 -4.75
N CYS A 66 23.38 -43.65 -3.73
CA CYS A 66 24.86 -43.58 -3.77
C CYS A 66 25.49 -44.23 -2.54
N ASN A 67 26.79 -44.41 -2.62
CA ASN A 67 27.56 -45.10 -1.62
C ASN A 67 28.46 -44.28 -0.77
N CYS A 68 28.59 -43.02 -1.11
CA CYS A 68 29.38 -42.02 -0.34
C CYS A 68 28.99 -42.14 1.14
N SER A 69 29.94 -42.49 2.00
CA SER A 69 29.77 -42.70 3.46
C SER A 69 30.94 -42.06 4.21
N SER A 70 30.68 -40.90 4.74
CA SER A 70 31.64 -40.16 5.50
C SER A 70 30.91 -39.13 6.36
N LEU A 71 31.67 -38.33 7.11
CA LEU A 71 31.06 -37.28 7.97
C LEU A 71 30.41 -36.24 7.07
N GLY A 72 29.15 -35.90 7.35
CA GLY A 72 28.42 -34.89 6.55
C GLY A 72 27.89 -35.48 5.27
N GLY A 73 28.15 -36.78 5.05
CA GLY A 73 27.61 -37.47 3.86
C GLY A 73 28.49 -37.37 2.63
N CYS A 74 27.94 -36.86 1.53
CA CYS A 74 28.65 -36.80 0.21
C CYS A 74 29.57 -35.58 0.18
N ASP A 75 30.72 -35.72 -0.47
CA ASP A 75 31.89 -34.80 -0.38
C ASP A 75 31.92 -33.86 -1.60
N LEU A 76 31.60 -32.58 -1.38
CA LEU A 76 31.59 -31.51 -2.43
C LEU A 76 32.87 -31.59 -3.27
N ASN A 77 33.99 -31.91 -2.62
CA ASN A 77 35.31 -31.88 -3.28
C ASN A 77 35.61 -33.17 -4.03
N ASN A 78 34.65 -34.08 -4.10
CA ASN A 78 34.82 -35.36 -4.81
C ASN A 78 33.50 -35.78 -5.44
N PRO A 79 33.00 -35.05 -6.44
CA PRO A 79 31.73 -35.38 -7.07
C PRO A 79 31.75 -36.59 -8.01
N SER A 80 32.92 -37.05 -8.42
CA SER A 80 33.04 -38.18 -9.38
C SER A 80 32.91 -39.53 -8.66
N ARG A 81 32.82 -39.55 -7.33
CA ARG A 81 32.46 -40.75 -6.53
C ARG A 81 30.93 -40.95 -6.52
N CYS A 82 30.15 -39.87 -6.54
CA CYS A 82 28.70 -39.87 -6.20
C CYS A 82 27.84 -40.28 -7.40
N GLU A 83 27.32 -41.52 -7.37
CA GLU A 83 26.42 -42.09 -8.41
C GLU A 83 25.23 -41.16 -8.69
N CYS A 84 24.82 -40.32 -7.74
CA CYS A 84 23.66 -39.39 -7.90
C CYS A 84 23.93 -38.37 -9.02
N LEU A 85 25.19 -38.19 -9.45
CA LEU A 85 25.61 -37.12 -10.39
C LEU A 85 25.91 -37.66 -11.80
N ASP A 86 25.64 -38.93 -12.09
CA ASP A 86 26.14 -39.62 -13.32
C ASP A 86 25.51 -39.03 -14.59
N ASP A 87 24.26 -38.54 -14.51
CA ASP A 87 23.54 -37.98 -15.69
C ASP A 87 24.07 -36.61 -16.09
N LEU A 88 24.88 -35.96 -15.26
CA LEU A 88 25.54 -34.67 -15.63
C LEU A 88 26.65 -34.91 -16.66
N ASP A 89 26.84 -33.95 -17.58
CA ASP A 89 28.03 -33.86 -18.49
C ASP A 89 29.29 -33.60 -17.66
N GLU A 90 30.44 -34.01 -18.18
CA GLU A 90 31.75 -33.60 -17.60
C GLU A 90 31.86 -32.08 -17.72
N PRO A 91 32.47 -31.38 -16.74
CA PRO A 91 33.04 -32.02 -15.54
C PRO A 91 31.98 -32.15 -14.44
N THR A 92 31.77 -33.36 -13.91
CA THR A 92 30.75 -33.59 -12.85
C THR A 92 31.12 -32.75 -11.62
N HIS A 93 30.14 -32.02 -11.11
CA HIS A 93 30.15 -31.35 -9.79
C HIS A 93 28.74 -31.44 -9.20
N PHE A 94 28.62 -31.34 -7.88
CA PHE A 94 27.34 -31.11 -7.19
C PHE A 94 26.79 -29.77 -7.65
N ALA A 95 25.50 -29.54 -7.46
CA ALA A 95 24.84 -28.28 -7.85
C ALA A 95 25.22 -27.17 -6.86
N TYR A 96 25.77 -27.52 -5.70
CA TYR A 96 25.92 -26.57 -4.56
C TYR A 96 27.41 -26.36 -4.22
N ASP A 97 27.73 -25.14 -3.78
CA ASP A 97 29.08 -24.70 -3.34
C ASP A 97 29.18 -24.90 -1.82
N ALA A 98 30.37 -24.62 -1.28
CA ALA A 98 30.72 -24.73 0.16
C ALA A 98 29.75 -23.91 1.04
N GLN A 99 29.14 -22.87 0.49
CA GLN A 99 28.12 -22.01 1.19
C GLN A 99 26.72 -22.65 1.16
N GLY A 100 26.50 -23.73 0.44
CA GLY A 100 25.19 -24.30 0.33
C GLY A 100 24.25 -23.55 -0.61
N ARG A 101 24.84 -22.87 -1.58
CA ARG A 101 24.05 -22.11 -2.56
C ARG A 101 24.26 -22.76 -3.92
N VAL A 102 23.28 -22.63 -4.79
CA VAL A 102 23.43 -23.18 -6.12
C VAL A 102 24.58 -22.47 -6.87
N ARG A 103 25.46 -23.23 -7.51
CA ARG A 103 26.63 -22.65 -8.24
C ARG A 103 26.13 -21.83 -9.44
N ALA A 104 26.91 -20.82 -9.84
CA ALA A 104 26.59 -19.96 -10.99
C ALA A 104 26.59 -20.79 -12.28
N ASP A 105 27.36 -21.88 -12.29
CA ASP A 105 27.59 -22.72 -13.51
C ASP A 105 26.65 -23.94 -13.51
N THR A 106 25.78 -24.05 -12.50
CA THR A 106 24.81 -25.17 -12.40
C THR A 106 23.69 -24.93 -13.41
N GLY A 107 23.37 -25.96 -14.20
CA GLY A 107 22.27 -25.94 -15.19
C GLY A 107 20.89 -25.96 -14.56
N ALA A 108 19.85 -26.14 -15.38
CA ALA A 108 18.43 -26.11 -14.99
C ALA A 108 18.07 -27.32 -14.13
N VAL A 109 18.88 -28.39 -14.17
CA VAL A 109 18.55 -29.65 -13.46
C VAL A 109 19.49 -29.86 -12.28
N ILE A 110 18.92 -29.94 -11.09
CA ILE A 110 19.64 -30.34 -9.85
C ILE A 110 19.32 -31.81 -9.56
N TYR A 111 20.36 -32.61 -9.35
CA TYR A 111 20.26 -34.04 -8.97
C TYR A 111 20.59 -34.16 -7.49
N GLU A 112 19.56 -34.17 -6.63
CA GLU A 112 19.74 -34.33 -5.16
C GLU A 112 19.75 -35.82 -4.79
N CYS A 113 20.19 -36.10 -3.57
CA CYS A 113 20.27 -37.45 -2.94
C CYS A 113 18.86 -37.89 -2.51
N ASN A 114 18.70 -39.15 -2.16
CA ASN A 114 17.36 -39.70 -1.86
C ASN A 114 17.40 -40.66 -0.68
N SER A 115 16.25 -41.16 -0.25
CA SER A 115 16.12 -42.08 0.90
C SER A 115 16.99 -43.33 0.67
N ALA A 116 17.20 -43.67 -0.58
CA ALA A 116 18.03 -44.84 -1.00
C ALA A 116 19.52 -44.61 -0.71
N CYS A 117 19.99 -43.36 -0.71
CA CYS A 117 21.42 -42.99 -0.54
C CYS A 117 21.86 -43.25 0.91
N SER A 118 23.12 -43.68 1.11
CA SER A 118 23.69 -44.03 2.44
C SER A 118 24.01 -42.77 3.25
N CYS A 119 24.03 -41.58 2.64
CA CYS A 119 24.38 -40.28 3.29
C CYS A 119 23.23 -39.80 4.18
N SER A 120 23.53 -39.10 5.26
CA SER A 120 22.49 -38.64 6.13
C SER A 120 21.73 -37.44 5.66
N MET A 121 20.76 -37.03 6.44
CA MET A 121 19.89 -35.90 6.02
C MET A 121 20.71 -34.60 5.94
N GLU A 122 21.91 -34.57 6.52
CA GLU A 122 22.79 -33.37 6.55
C GLU A 122 23.75 -33.39 5.35
N CYS A 123 23.49 -34.19 4.31
CA CYS A 123 24.26 -34.20 3.04
C CYS A 123 24.16 -32.82 2.40
N PRO A 124 25.29 -32.26 1.90
CA PRO A 124 25.24 -31.06 1.06
C PRO A 124 24.33 -31.18 -0.18
N ASN A 125 24.00 -32.40 -0.62
CA ASN A 125 23.19 -32.63 -1.85
C ASN A 125 21.71 -32.85 -1.49
N ARG A 126 21.24 -32.34 -0.34
CA ARG A 126 19.81 -32.43 0.08
C ARG A 126 19.28 -31.06 0.51
N VAL A 127 19.64 -30.00 -0.21
CA VAL A 127 19.32 -28.61 0.19
C VAL A 127 17.80 -28.39 0.04
N VAL A 128 17.27 -28.62 -1.15
CA VAL A 128 15.82 -28.45 -1.45
C VAL A 128 15.02 -29.28 -0.45
N GLN A 129 15.45 -30.51 -0.25
CA GLN A 129 14.79 -31.51 0.64
C GLN A 129 14.67 -30.95 2.06
N ARG A 130 15.74 -30.32 2.57
CA ARG A 130 15.78 -29.73 3.94
C ARG A 130 14.86 -28.51 4.00
N GLY A 131 14.40 -28.00 2.86
CA GLY A 131 13.33 -27.00 2.78
C GLY A 131 13.77 -25.59 3.15
N ARG A 132 12.80 -24.66 3.17
CA ARG A 132 13.01 -23.20 3.35
C ARG A 132 13.81 -22.92 4.63
N THR A 133 14.75 -21.97 4.57
CA THR A 133 15.53 -21.54 5.75
C THR A 133 15.25 -20.08 6.06
N LEU A 134 14.66 -19.32 5.13
CA LEU A 134 14.44 -17.85 5.31
C LEU A 134 13.06 -17.57 5.89
N PRO A 135 12.95 -16.65 6.87
CA PRO A 135 11.65 -16.11 7.27
C PRO A 135 11.10 -15.30 6.10
N LEU A 136 9.80 -15.44 5.82
CA LEU A 136 9.12 -14.73 4.71
C LEU A 136 7.87 -14.02 5.24
N GLU A 137 7.34 -13.12 4.41
CA GLU A 137 6.18 -12.26 4.74
C GLU A 137 5.27 -12.21 3.53
N ILE A 138 4.02 -12.64 3.73
CA ILE A 138 2.90 -12.40 2.79
C ILE A 138 2.45 -10.96 3.03
N PHE A 139 2.59 -10.10 2.04
CA PHE A 139 2.22 -8.67 2.18
C PHE A 139 1.35 -8.29 1.00
N LYS A 140 0.62 -7.17 1.17
CA LYS A 140 -0.30 -6.69 0.12
C LYS A 140 0.47 -5.74 -0.77
N THR A 141 0.64 -6.11 -2.03
CA THR A 141 1.24 -5.24 -3.06
C THR A 141 0.21 -4.21 -3.50
N LYS A 142 0.71 -3.20 -4.21
CA LYS A 142 -0.05 -2.02 -4.66
C LYS A 142 -1.07 -2.44 -5.71
N GLU A 143 -0.67 -3.19 -6.74
CA GLU A 143 -1.48 -3.36 -7.98
C GLU A 143 -1.63 -4.83 -8.37
N LYS A 144 -1.03 -5.78 -7.65
CA LYS A 144 -0.90 -7.19 -8.10
C LYS A 144 -1.51 -8.15 -7.06
N GLY A 145 -2.33 -7.66 -6.14
CA GLY A 145 -2.89 -8.47 -5.04
C GLY A 145 -1.82 -8.80 -4.02
N TRP A 146 -1.86 -9.99 -3.45
CA TRP A 146 -0.88 -10.43 -2.41
C TRP A 146 0.46 -10.78 -3.05
N GLY A 147 1.51 -10.76 -2.25
CA GLY A 147 2.89 -10.96 -2.70
C GLY A 147 3.69 -11.49 -1.54
N VAL A 148 4.96 -11.82 -1.79
CA VAL A 148 5.89 -12.29 -0.72
C VAL A 148 7.18 -11.51 -0.82
N ARG A 149 7.83 -11.33 0.33
CA ARG A 149 9.13 -10.64 0.43
C ARG A 149 9.91 -11.27 1.58
N SER A 150 11.23 -11.16 1.54
CA SER A 150 12.10 -11.69 2.62
C SER A 150 12.30 -10.61 3.67
N LEU A 151 12.51 -11.04 4.91
CA LEU A 151 12.84 -10.16 6.05
C LEU A 151 14.37 -10.06 6.19
N ARG A 152 15.10 -11.00 5.60
CA ARG A 152 16.59 -11.10 5.67
C ARG A 152 17.20 -10.93 4.27
N PHE A 153 18.37 -10.30 4.20
CA PHE A 153 19.23 -10.30 2.98
C PHE A 153 19.38 -11.75 2.49
N ALA A 154 19.36 -11.95 1.17
CA ALA A 154 19.56 -13.28 0.54
C ALA A 154 20.56 -13.15 -0.61
N PRO A 155 21.80 -13.66 -0.45
CA PRO A 155 22.76 -13.69 -1.54
C PRO A 155 22.23 -14.50 -2.73
N ALA A 156 22.59 -14.09 -3.94
CA ALA A 156 22.37 -14.85 -5.19
C ALA A 156 22.75 -16.31 -4.96
N GLY A 157 21.88 -17.24 -5.36
CA GLY A 157 22.09 -18.69 -5.26
C GLY A 157 21.43 -19.29 -4.02
N THR A 158 20.98 -18.44 -3.09
CA THR A 158 20.29 -18.88 -1.86
C THR A 158 19.04 -19.64 -2.27
N PHE A 159 18.81 -20.82 -1.69
CA PHE A 159 17.53 -21.56 -1.86
C PHE A 159 16.44 -20.81 -1.10
N ILE A 160 15.29 -20.63 -1.74
CA ILE A 160 14.11 -19.95 -1.12
C ILE A 160 13.09 -20.99 -0.65
N THR A 161 12.42 -21.68 -1.58
CA THR A 161 11.30 -22.63 -1.31
C THR A 161 10.98 -23.40 -2.59
N CYS A 162 10.12 -24.42 -2.51
CA CYS A 162 9.55 -25.13 -3.70
C CYS A 162 8.14 -24.66 -3.99
N TYR A 163 7.72 -24.77 -5.25
CA TYR A 163 6.30 -24.56 -5.65
C TYR A 163 5.56 -25.88 -5.46
N LEU A 164 4.59 -25.88 -4.55
CA LEU A 164 3.76 -27.06 -4.23
C LEU A 164 2.32 -26.81 -4.67
N GLY A 165 1.52 -27.87 -4.62
CA GLY A 165 0.09 -27.80 -4.94
C GLY A 165 -0.50 -29.17 -5.19
N GLU A 166 -1.75 -29.19 -5.65
CA GLU A 166 -2.39 -30.42 -6.18
C GLU A 166 -1.71 -30.73 -7.51
N VAL A 167 -1.17 -31.93 -7.68
CA VAL A 167 -0.69 -32.39 -9.00
C VAL A 167 -1.89 -33.03 -9.69
N ILE A 168 -2.21 -32.60 -10.91
CA ILE A 168 -3.45 -33.01 -11.64
C ILE A 168 -3.16 -33.34 -13.10
N THR A 169 -4.13 -33.96 -13.77
CA THR A 169 -4.09 -34.34 -15.20
C THR A 169 -4.65 -33.22 -16.08
N SER A 170 -4.39 -33.30 -17.39
CA SER A 170 -5.02 -32.48 -18.46
C SER A 170 -6.55 -32.56 -18.34
N ALA A 171 -7.07 -33.78 -18.27
CA ALA A 171 -8.52 -34.07 -18.08
C ALA A 171 -9.03 -33.19 -16.93
N GLU A 172 -8.37 -33.25 -15.77
CA GLU A 172 -8.78 -32.54 -14.53
C GLU A 172 -8.64 -31.03 -14.74
N ALA A 173 -7.55 -30.58 -15.39
CA ALA A 173 -7.26 -29.16 -15.66
C ALA A 173 -8.44 -28.53 -16.39
N ALA A 174 -8.98 -29.21 -17.42
CA ALA A 174 -10.14 -28.77 -18.22
C ALA A 174 -11.37 -28.69 -17.33
N LYS A 175 -11.58 -29.68 -16.45
CA LYS A 175 -12.77 -29.78 -15.56
C LYS A 175 -12.83 -28.57 -14.61
N ARG A 176 -11.68 -28.03 -14.21
CA ARG A 176 -11.59 -26.83 -13.33
C ARG A 176 -11.66 -25.57 -14.20
N ASP A 177 -12.81 -24.90 -14.24
CA ASP A 177 -12.93 -23.62 -14.99
C ASP A 177 -12.39 -22.50 -14.11
N LYS A 178 -11.29 -21.87 -14.52
CA LYS A 178 -10.70 -20.73 -13.78
C LYS A 178 -10.98 -19.46 -14.57
N ASN A 179 -11.19 -18.34 -13.88
CA ASN A 179 -11.43 -17.03 -14.55
C ASN A 179 -10.10 -16.30 -14.67
N ASP A 182 -11.58 -12.98 -11.80
CA ASP A 182 -11.49 -12.64 -10.35
C ASP A 182 -10.01 -12.67 -9.93
N ASP A 183 -9.72 -12.36 -8.66
CA ASP A 183 -8.32 -12.19 -8.21
C ASP A 183 -8.03 -13.26 -7.14
N GLY A 184 -6.75 -13.44 -6.82
CA GLY A 184 -6.28 -14.62 -6.06
C GLY A 184 -6.54 -15.90 -6.82
N ILE A 185 -6.66 -15.84 -8.14
CA ILE A 185 -6.75 -17.06 -8.98
C ILE A 185 -5.34 -17.38 -9.48
N THR A 186 -4.73 -18.45 -8.97
CA THR A 186 -3.45 -18.99 -9.49
C THR A 186 -3.71 -19.59 -10.87
N TYR A 187 -2.68 -19.69 -11.70
CA TYR A 187 -2.74 -20.51 -12.94
C TYR A 187 -1.84 -21.73 -12.76
N LEU A 188 -1.90 -22.63 -13.74
CA LEU A 188 -1.33 -23.99 -13.62
C LEU A 188 0.15 -23.94 -13.99
N PHE A 189 0.94 -24.81 -13.39
CA PHE A 189 2.40 -24.88 -13.58
C PHE A 189 2.76 -26.27 -14.13
N ASP A 190 2.81 -26.39 -15.46
CA ASP A 190 3.13 -27.64 -16.20
C ASP A 190 4.44 -28.25 -15.66
N LEU A 191 4.45 -29.57 -15.47
CA LEU A 191 5.65 -30.39 -15.12
C LEU A 191 6.18 -30.99 -16.42
N ASP A 192 6.58 -30.13 -17.35
CA ASP A 192 6.92 -30.50 -18.76
C ASP A 192 8.43 -30.45 -19.01
N MET A 193 9.25 -30.25 -17.98
CA MET A 193 10.73 -30.08 -18.12
C MET A 193 11.35 -31.31 -18.77
N PHE A 194 10.77 -32.50 -18.62
CA PHE A 194 11.36 -33.77 -19.12
C PHE A 194 10.42 -34.47 -20.10
N ASP A 195 9.21 -34.80 -19.68
CA ASP A 195 8.26 -35.63 -20.48
C ASP A 195 7.17 -34.75 -21.10
N ASP A 196 6.41 -35.30 -22.04
CA ASP A 196 5.27 -34.60 -22.69
C ASP A 196 4.02 -35.48 -22.62
N ALA A 197 4.21 -36.80 -22.57
CA ALA A 197 3.10 -37.77 -22.46
C ALA A 197 2.34 -37.56 -21.14
N SER A 198 3.07 -37.31 -20.06
CA SER A 198 2.54 -37.19 -18.68
C SER A 198 1.46 -36.10 -18.65
N GLU A 199 1.82 -34.90 -19.08
CA GLU A 199 0.96 -33.69 -19.06
C GLU A 199 0.45 -33.43 -17.63
N TYR A 200 1.24 -33.78 -16.60
CA TYR A 200 0.93 -33.47 -15.19
C TYR A 200 1.16 -31.98 -14.95
N THR A 201 0.36 -31.35 -14.09
CA THR A 201 0.42 -29.88 -13.83
C THR A 201 0.16 -29.59 -12.34
N VAL A 202 0.63 -28.45 -11.84
CA VAL A 202 0.52 -28.09 -10.39
C VAL A 202 -0.45 -26.91 -10.26
N ASP A 203 -1.56 -27.13 -9.56
CA ASP A 203 -2.62 -26.14 -9.26
C ASP A 203 -2.54 -25.83 -7.76
N ALA A 204 -2.20 -24.58 -7.40
CA ALA A 204 -1.98 -24.16 -6.00
C ALA A 204 -3.19 -23.41 -5.45
N GLN A 205 -4.36 -23.47 -6.10
CA GLN A 205 -5.57 -22.73 -5.66
C GLN A 205 -5.90 -23.09 -4.21
N ASN A 206 -6.09 -24.36 -3.89
CA ASN A 206 -6.63 -24.84 -2.60
C ASN A 206 -5.50 -25.32 -1.68
N TYR A 207 -4.44 -25.86 -2.26
CA TYR A 207 -3.31 -26.44 -1.51
C TYR A 207 -2.03 -25.88 -2.12
N GLY A 208 -1.07 -25.49 -1.29
CA GLY A 208 0.24 -25.09 -1.80
C GLY A 208 1.19 -24.61 -0.72
N ASP A 209 2.20 -23.87 -1.17
CA ASP A 209 3.30 -23.36 -0.36
C ASP A 209 3.17 -21.83 -0.32
N VAL A 210 4.10 -21.14 0.30
CA VAL A 210 4.16 -19.65 0.30
C VAL A 210 4.37 -19.15 -1.14
N SER A 211 5.08 -19.93 -1.96
CA SER A 211 5.36 -19.63 -3.38
C SER A 211 4.06 -19.45 -4.19
N ARG A 212 2.93 -19.83 -3.65
CA ARG A 212 1.66 -19.65 -4.29
C ARG A 212 1.33 -18.18 -4.41
N PHE A 213 1.94 -17.37 -3.57
CA PHE A 213 1.75 -15.89 -3.52
C PHE A 213 2.90 -15.14 -4.22
N PHE A 214 3.92 -15.82 -4.74
CA PHE A 214 4.99 -15.16 -5.55
C PHE A 214 4.36 -14.59 -6.83
N ASN A 215 4.73 -13.35 -7.18
CA ASN A 215 4.19 -12.63 -8.36
C ASN A 215 5.18 -12.75 -9.53
N HIS A 216 4.70 -12.42 -10.73
CA HIS A 216 5.53 -12.43 -11.96
C HIS A 216 6.28 -11.11 -12.08
N SER A 217 7.55 -11.19 -12.48
CA SER A 217 8.32 -10.02 -12.95
C SER A 217 9.00 -10.37 -14.27
N CYS A 218 9.01 -9.41 -15.20
CA CYS A 218 9.79 -9.49 -16.45
C CYS A 218 11.27 -9.31 -16.13
N SER A 219 11.60 -8.89 -14.90
CA SER A 219 12.99 -8.66 -14.40
C SER A 219 13.17 -9.35 -13.04
N PRO A 220 13.06 -10.69 -12.99
CA PRO A 220 12.94 -11.40 -11.71
C PRO A 220 14.24 -11.48 -10.89
N ASN A 221 14.10 -11.74 -9.59
CA ASN A 221 15.21 -11.94 -8.63
C ASN A 221 15.28 -13.41 -8.20
N ILE A 222 14.34 -14.26 -8.61
CA ILE A 222 14.40 -15.72 -8.32
C ILE A 222 13.98 -16.50 -9.56
N ALA A 223 14.39 -17.76 -9.62
CA ALA A 223 14.19 -18.65 -10.79
C ALA A 223 13.99 -20.10 -10.33
N ILE A 224 13.37 -20.87 -11.21
CA ILE A 224 13.00 -22.28 -10.96
C ILE A 224 14.14 -23.19 -11.45
N TYR A 225 14.64 -24.05 -10.57
CA TYR A 225 15.54 -25.17 -10.91
C TYR A 225 14.72 -26.44 -10.75
N SER A 226 14.69 -27.29 -11.77
CA SER A 226 14.04 -28.62 -11.71
C SER A 226 14.93 -29.55 -10.89
N ALA A 227 14.53 -29.84 -9.65
CA ALA A 227 15.33 -30.62 -8.68
C ALA A 227 14.82 -32.06 -8.62
N VAL A 228 15.58 -32.98 -9.21
CA VAL A 228 15.22 -34.42 -9.37
C VAL A 228 15.96 -35.25 -8.32
N ARG A 229 15.24 -36.14 -7.64
CA ARG A 229 15.83 -37.11 -6.67
C ARG A 229 15.49 -38.52 -7.16
N ASN A 230 14.22 -38.80 -7.43
CA ASN A 230 13.74 -40.16 -7.79
C ASN A 230 14.23 -40.53 -9.19
N HIS A 231 14.68 -41.78 -9.37
CA HIS A 231 15.37 -42.26 -10.59
C HIS A 231 14.39 -42.95 -11.54
N GLY A 232 13.08 -42.88 -11.27
CA GLY A 232 12.05 -43.35 -12.22
C GLY A 232 11.97 -42.45 -13.46
N ALA A 233 10.86 -42.55 -14.22
CA ALA A 233 10.39 -41.52 -15.17
C ALA A 233 10.12 -40.23 -14.40
N ARG A 234 10.49 -39.08 -14.97
CA ARG A 234 10.43 -37.75 -14.32
C ARG A 234 9.19 -37.01 -14.80
N THR A 235 8.02 -37.60 -14.53
CA THR A 235 6.69 -36.98 -14.73
C THR A 235 6.43 -36.02 -13.57
N ILE A 236 6.99 -36.32 -12.39
CA ILE A 236 6.85 -35.54 -11.13
C ILE A 236 8.24 -35.26 -10.53
N TYR A 237 8.56 -33.99 -10.32
CA TYR A 237 9.86 -33.50 -9.78
C TYR A 237 9.61 -32.18 -9.05
N ASP A 238 10.59 -31.73 -8.28
CA ASP A 238 10.47 -30.53 -7.41
C ASP A 238 10.75 -29.26 -8.22
N LEU A 239 9.89 -28.26 -8.07
CA LEU A 239 10.03 -26.92 -8.69
C LEU A 239 10.70 -26.03 -7.64
N ALA A 240 12.03 -25.87 -7.71
CA ALA A 240 12.87 -25.29 -6.65
C ALA A 240 13.27 -23.85 -6.98
N PHE A 241 12.83 -22.90 -6.16
CA PHE A 241 13.21 -21.47 -6.33
C PHE A 241 14.58 -21.22 -5.70
N PHE A 242 15.47 -20.60 -6.47
CA PHE A 242 16.74 -20.03 -5.98
C PHE A 242 16.86 -18.57 -6.41
N ALA A 243 17.56 -17.77 -5.60
CA ALA A 243 17.91 -16.36 -5.90
C ALA A 243 18.86 -16.31 -7.10
N ILE A 244 18.53 -15.51 -8.11
CA ILE A 244 19.43 -15.27 -9.28
C ILE A 244 20.02 -13.87 -9.16
N LYS A 245 19.68 -13.13 -8.11
CA LYS A 245 20.19 -11.78 -7.79
C LYS A 245 20.26 -11.66 -6.27
N ASP A 246 21.17 -10.82 -5.78
CA ASP A 246 21.25 -10.49 -4.33
C ASP A 246 19.91 -9.84 -4.01
N ILE A 247 19.25 -10.25 -2.93
CA ILE A 247 17.89 -9.78 -2.57
C ILE A 247 17.93 -9.02 -1.24
N GLN A 248 17.51 -7.76 -1.27
CA GLN A 248 17.50 -6.87 -0.09
C GLN A 248 16.37 -7.32 0.84
N PRO A 249 16.44 -7.01 2.15
CA PRO A 249 15.29 -7.20 3.03
C PRO A 249 14.09 -6.36 2.55
N LEU A 250 12.90 -6.97 2.62
CA LEU A 250 11.58 -6.38 2.23
C LEU A 250 11.45 -6.27 0.70
N GLU A 251 12.34 -6.90 -0.07
CA GLU A 251 12.28 -6.88 -1.57
C GLU A 251 11.30 -7.97 -2.01
N GLU A 252 10.31 -7.62 -2.82
CA GLU A 252 9.30 -8.58 -3.32
C GLU A 252 10.01 -9.67 -4.13
N LEU A 253 9.75 -10.93 -3.76
CA LEU A 253 10.21 -12.13 -4.49
C LEU A 253 9.34 -12.30 -5.72
N THR A 254 9.95 -12.28 -6.89
CA THR A 254 9.25 -12.43 -8.18
C THR A 254 10.03 -13.37 -9.09
N PHE A 255 9.29 -14.20 -9.82
CA PHE A 255 9.90 -15.11 -10.81
C PHE A 255 9.26 -14.82 -12.17
N ASP A 256 9.94 -15.20 -13.25
CA ASP A 256 9.37 -15.07 -14.61
C ASP A 256 8.43 -16.25 -14.84
N TYR A 257 7.14 -15.98 -14.94
CA TYR A 257 6.13 -17.03 -15.16
C TYR A 257 6.29 -17.65 -16.55
N ALA A 258 6.82 -16.93 -17.54
CA ALA A 258 6.86 -17.49 -18.92
C ALA A 258 7.56 -18.85 -19.08
N GLY A 259 6.87 -19.85 -19.67
CA GLY A 259 7.40 -21.22 -19.83
C GLY A 259 7.06 -22.10 -18.66
N ALA A 260 6.73 -21.51 -17.52
CA ALA A 260 6.46 -22.23 -16.26
C ALA A 260 4.99 -22.10 -15.85
N LYS A 261 4.64 -21.01 -15.19
CA LYS A 261 3.31 -20.77 -14.69
C LYS A 261 2.54 -20.07 -15.81
N ASP A 262 1.34 -20.53 -16.08
CA ASP A 262 0.54 -19.96 -17.12
C ASP A 262 0.03 -18.55 -16.79
N PHE A 263 -0.24 -17.76 -17.81
CA PHE A 263 -0.74 -16.41 -17.68
C PHE A 263 -2.26 -16.34 -17.90
N SER A 264 -2.92 -17.45 -18.31
CA SER A 264 -4.34 -17.50 -18.66
C SER A 264 -4.90 -18.86 -18.29
N PRO A 265 -6.19 -18.95 -18.14
CA PRO A 265 -6.84 -20.21 -17.82
C PRO A 265 -6.89 -21.04 -19.07
N VAL A 266 -6.89 -22.35 -18.87
CA VAL A 266 -6.95 -23.29 -20.02
C VAL A 266 -8.37 -23.17 -20.59
N GLN A 267 -8.49 -23.10 -21.92
CA GLN A 267 -9.83 -23.05 -22.57
C GLN A 267 -9.89 -24.05 -23.72
N LEU A 279 -11.32 -7.70 -21.13
CA LEU A 279 -11.16 -9.09 -20.61
C LEU A 279 -9.86 -9.21 -19.82
N ARG A 280 -8.72 -8.83 -20.44
CA ARG A 280 -7.34 -9.11 -19.93
C ARG A 280 -6.80 -7.95 -19.09
N ARG A 281 -5.81 -8.25 -18.24
CA ARG A 281 -5.12 -7.32 -17.31
C ARG A 281 -3.60 -7.44 -17.51
N GLN A 282 -2.94 -6.30 -17.72
CA GLN A 282 -1.52 -6.22 -18.19
C GLN A 282 -0.56 -6.52 -17.04
N CYS A 283 0.74 -6.54 -17.35
CA CYS A 283 1.85 -6.72 -16.37
C CYS A 283 2.10 -5.41 -15.63
N LYS A 284 2.19 -5.49 -14.30
CA LYS A 284 2.42 -4.34 -13.38
C LYS A 284 3.73 -4.53 -12.63
N CYS A 285 4.71 -5.24 -13.21
CA CYS A 285 6.02 -5.51 -12.55
C CYS A 285 6.86 -4.21 -12.50
N GLY A 286 6.68 -3.33 -13.49
CA GLY A 286 7.23 -1.97 -13.50
C GLY A 286 8.68 -1.94 -13.96
N SER A 287 9.24 -3.06 -14.42
CA SER A 287 10.61 -3.14 -14.97
C SER A 287 10.68 -2.29 -16.23
N ALA A 288 11.83 -1.71 -16.54
CA ALA A 288 12.06 -0.93 -17.78
C ALA A 288 11.96 -1.88 -18.97
N ASN A 289 12.40 -3.14 -18.78
CA ASN A 289 12.40 -4.21 -19.81
C ASN A 289 11.01 -4.86 -19.92
N CYS A 290 10.02 -4.42 -19.13
CA CYS A 290 8.69 -5.08 -19.02
C CYS A 290 8.15 -5.38 -20.43
N ARG A 291 7.65 -6.61 -20.61
CA ARG A 291 7.21 -7.17 -21.91
C ARG A 291 5.72 -6.87 -22.13
N GLY A 292 5.03 -6.34 -21.12
CA GLY A 292 3.60 -5.98 -21.19
C GLY A 292 2.72 -7.21 -21.30
N TRP A 293 3.16 -8.35 -20.76
CA TRP A 293 2.43 -9.65 -20.79
C TRP A 293 1.02 -9.44 -20.22
N LEU A 294 0.01 -10.05 -20.84
CA LEU A 294 -1.41 -9.93 -20.41
C LEU A 294 -1.75 -11.11 -19.50
N PHE A 295 -2.44 -10.83 -18.39
CA PHE A 295 -2.97 -11.87 -17.46
C PHE A 295 -4.45 -12.15 -17.78
N GLY A 296 -4.88 -13.39 -17.56
CA GLY A 296 -6.19 -13.92 -17.99
C GLY A 296 -6.37 -13.84 -19.49
N SER B 1 13.74 18.02 -9.86
CA SER B 1 13.85 16.53 -9.97
C SER B 1 14.65 15.97 -8.79
N TYR B 2 15.71 16.66 -8.35
CA TYR B 2 16.51 16.38 -7.12
C TYR B 2 17.20 15.01 -7.25
N THR B 3 17.69 14.67 -8.43
CA THR B 3 18.25 13.32 -8.75
C THR B 3 19.53 13.06 -7.96
N HIS B 4 20.27 14.12 -7.58
CA HIS B 4 21.53 14.05 -6.78
C HIS B 4 21.21 13.72 -5.32
N LEU B 5 19.93 13.78 -4.92
CA LEU B 5 19.47 13.37 -3.56
C LEU B 5 18.91 11.95 -3.62
N SER B 6 19.31 11.11 -2.67
CA SER B 6 18.87 9.69 -2.55
C SER B 6 17.49 9.62 -1.88
N PHE B 7 16.84 8.47 -2.02
CA PHE B 7 15.56 8.12 -1.35
C PHE B 7 15.60 8.60 0.10
N TYR B 8 16.64 8.24 0.86
CA TYR B 8 16.79 8.55 2.31
C TYR B 8 16.95 10.06 2.52
N GLU B 9 17.78 10.71 1.70
CA GLU B 9 18.09 12.16 1.84
C GLU B 9 16.80 12.96 1.64
N LYS B 10 16.10 12.70 0.53
CA LYS B 10 14.82 13.33 0.14
C LYS B 10 13.76 13.14 1.22
N ARG B 11 13.54 11.91 1.66
CA ARG B 11 12.52 11.59 2.69
C ARG B 11 12.89 12.30 4.00
N GLU B 12 14.16 12.27 4.39
CA GLU B 12 14.61 12.92 5.65
C GLU B 12 14.40 14.42 5.54
N LEU B 13 14.57 14.99 4.34
CA LEU B 13 14.38 16.45 4.13
C LEU B 13 12.90 16.80 4.24
N PHE B 14 12.00 15.94 3.77
CA PHE B 14 10.54 16.19 3.89
C PHE B 14 10.12 16.07 5.36
N ARG B 15 10.73 15.14 6.09
CA ARG B 15 10.45 14.96 7.53
C ARG B 15 10.91 16.20 8.29
N LYS B 16 12.14 16.66 8.05
CA LYS B 16 12.71 17.89 8.64
C LYS B 16 11.71 19.04 8.46
N LYS B 17 11.20 19.16 7.23
CA LYS B 17 10.24 20.21 6.80
C LYS B 17 8.96 20.11 7.63
N LEU B 18 8.49 18.89 7.88
CA LEU B 18 7.27 18.66 8.70
C LEU B 18 7.55 19.09 10.14
N ARG B 19 8.70 18.70 10.71
CA ARG B 19 9.07 19.01 12.12
C ARG B 19 8.98 20.53 12.37
N GLU B 20 9.30 21.34 11.36
CA GLU B 20 9.39 22.81 11.52
C GLU B 20 8.00 23.45 11.47
N ILE B 21 6.92 22.67 11.30
CA ILE B 21 5.53 23.19 11.41
C ILE B 21 5.21 23.40 12.88
N GLU B 22 4.66 24.56 13.22
CA GLU B 22 4.21 24.86 14.60
C GLU B 22 2.88 24.15 14.86
N GLY B 23 2.54 23.98 16.14
CA GLY B 23 1.39 23.19 16.57
C GLY B 23 1.64 21.69 16.36
N PRO B 24 0.59 20.86 16.50
CA PRO B 24 0.74 19.43 16.71
C PRO B 24 1.46 18.71 15.56
N GLU B 25 2.14 17.61 15.92
CA GLU B 25 3.04 16.82 15.05
C GLU B 25 2.34 16.43 13.73
N VAL B 26 3.08 16.55 12.62
CA VAL B 26 2.72 15.95 11.30
C VAL B 26 3.82 14.96 10.91
N THR B 27 3.44 13.71 10.65
CA THR B 27 4.32 12.59 10.29
C THR B 27 4.11 12.24 8.83
N LEU B 28 5.08 11.54 8.25
CA LEU B 28 5.07 11.06 6.84
C LEU B 28 5.20 9.53 6.85
N VAL B 29 4.50 8.85 5.96
CA VAL B 29 4.46 7.36 5.91
C VAL B 29 4.17 6.93 4.47
N ASN B 30 4.92 5.95 3.97
CA ASN B 30 4.67 5.32 2.65
C ASN B 30 4.97 3.84 2.80
N GLU B 31 4.00 3.08 3.28
CA GLU B 31 4.08 1.61 3.36
C GLU B 31 3.53 1.00 2.04
N VAL B 32 3.51 1.75 0.93
CA VAL B 32 2.77 1.35 -0.31
C VAL B 32 3.72 1.14 -1.48
N ASP B 33 4.47 2.18 -1.84
CA ASP B 33 5.48 2.17 -2.94
C ASP B 33 6.74 2.83 -2.40
N ASP B 34 7.66 3.19 -3.28
CA ASP B 34 8.98 3.76 -2.89
C ASP B 34 9.07 5.24 -3.31
N GLU B 35 7.96 5.91 -3.58
CA GLU B 35 7.94 7.39 -3.69
C GLU B 35 8.39 7.91 -2.32
N PRO B 36 9.55 8.62 -2.24
CA PRO B 36 10.14 8.98 -0.96
C PRO B 36 9.37 10.04 -0.16
N CYS B 37 8.65 10.92 -0.86
CA CYS B 37 7.92 12.06 -0.25
C CYS B 37 7.22 12.89 -1.32
N PRO B 38 6.26 13.75 -0.93
CA PRO B 38 5.74 14.79 -1.83
C PRO B 38 6.84 15.78 -2.24
N SER B 39 6.51 16.72 -3.14
CA SER B 39 7.47 17.73 -3.66
C SER B 39 8.18 18.42 -2.50
N LEU B 40 9.50 18.49 -2.56
CA LEU B 40 10.35 19.20 -1.56
C LEU B 40 10.28 20.71 -1.81
N ASP B 41 9.70 21.16 -2.94
CA ASP B 41 9.54 22.61 -3.25
C ASP B 41 8.40 23.19 -2.41
N PHE B 42 7.34 22.42 -2.21
CA PHE B 42 6.13 22.82 -1.44
C PHE B 42 6.51 23.44 -0.09
N GLN B 43 5.88 24.58 0.26
CA GLN B 43 6.13 25.33 1.52
C GLN B 43 4.90 25.27 2.44
N PHE B 44 5.11 25.10 3.75
CA PHE B 44 4.04 25.05 4.78
C PHE B 44 3.85 26.42 5.42
N ILE B 45 2.66 26.99 5.26
CA ILE B 45 2.31 28.36 5.75
C ILE B 45 1.23 28.24 6.84
N SER B 46 1.16 29.24 7.73
CA SER B 46 0.15 29.31 8.81
C SER B 46 -0.95 30.34 8.50
N GLN B 47 -0.92 30.97 7.31
CA GLN B 47 -2.00 31.89 6.82
C GLN B 47 -1.88 32.09 5.29
N TYR B 48 -2.94 32.60 4.66
CA TYR B 48 -2.97 32.83 3.19
C TYR B 48 -1.72 33.59 2.75
N ARG B 49 -1.12 33.13 1.65
CA ARG B 49 -0.01 33.81 0.95
C ARG B 49 -0.60 34.63 -0.19
N LEU B 50 -0.87 35.90 0.05
CA LEU B 50 -1.52 36.79 -0.94
C LEU B 50 -0.57 37.06 -2.10
N THR B 51 -1.12 37.33 -3.28
CA THR B 51 -0.38 37.54 -4.55
C THR B 51 -0.83 38.87 -5.20
N GLN B 52 -0.38 39.10 -6.44
CA GLN B 52 -0.48 40.41 -7.12
C GLN B 52 -1.91 40.60 -7.65
N GLY B 53 -2.52 41.73 -7.32
CA GLY B 53 -3.88 42.11 -7.76
C GLY B 53 -4.93 41.74 -6.74
N VAL B 54 -4.55 41.04 -5.67
CA VAL B 54 -5.46 40.59 -4.59
C VAL B 54 -5.49 41.65 -3.50
N ILE B 55 -6.64 42.31 -3.37
CA ILE B 55 -6.92 43.37 -2.35
C ILE B 55 -7.45 42.70 -1.09
N PRO B 56 -6.73 42.76 0.05
CA PRO B 56 -7.16 42.09 1.28
C PRO B 56 -8.23 42.93 1.97
N PRO B 57 -8.92 42.37 3.00
CA PRO B 57 -9.94 43.14 3.71
C PRO B 57 -9.31 44.36 4.42
N ASP B 58 -10.01 45.49 4.39
CA ASP B 58 -9.52 46.77 4.94
C ASP B 58 -9.63 46.74 6.46
N PRO B 59 -8.54 46.92 7.23
CA PRO B 59 -8.61 46.91 8.69
C PRO B 59 -9.43 48.07 9.29
N ASN B 60 -9.72 49.09 8.46
CA ASN B 60 -10.60 50.24 8.80
C ASN B 60 -12.07 49.81 8.89
N ALA B 61 -12.45 48.70 8.23
CA ALA B 61 -13.83 48.17 8.22
C ALA B 61 -14.03 47.17 9.36
N GLN B 62 -13.03 46.92 10.17
CA GLN B 62 -13.17 46.02 11.27
C GLN B 62 -13.88 46.51 12.48
N SER B 63 -14.69 45.64 13.07
CA SER B 63 -15.39 45.93 14.31
C SER B 63 -15.32 44.68 15.15
N GLY B 64 -15.28 44.84 16.46
CA GLY B 64 -15.19 43.69 17.34
C GLY B 64 -16.35 43.64 18.30
N CYS B 65 -16.15 42.99 19.45
CA CYS B 65 -17.22 42.91 20.41
C CYS B 65 -16.85 43.39 21.78
N ASN B 66 -17.87 43.56 22.60
CA ASN B 66 -17.69 44.02 23.96
C ASN B 66 -18.15 42.90 24.83
N CYS B 67 -17.22 42.04 25.19
CA CYS B 67 -17.50 40.94 26.07
C CYS B 67 -16.27 40.85 26.92
N SER B 68 -16.42 41.11 28.20
CA SER B 68 -15.29 41.06 29.09
C SER B 68 -15.61 40.19 30.29
N SER B 69 -15.29 38.91 30.14
CA SER B 69 -15.52 37.94 31.19
C SER B 69 -14.27 37.07 31.30
N LEU B 70 -14.33 36.03 32.10
CA LEU B 70 -13.20 35.12 32.22
C LEU B 70 -13.19 34.26 30.97
N GLY B 71 -12.06 34.23 30.29
CA GLY B 71 -11.92 33.45 29.08
C GLY B 71 -12.64 33.99 27.87
N GLY B 72 -13.01 35.26 27.89
CA GLY B 72 -13.68 35.86 26.74
C GLY B 72 -15.19 35.82 26.71
N CYS B 73 -15.74 35.62 25.51
CA CYS B 73 -17.18 35.59 25.29
C CYS B 73 -17.83 34.38 25.98
N ASP B 74 -19.09 34.54 26.38
CA ASP B 74 -19.81 33.55 27.22
C ASP B 74 -20.79 32.74 26.34
N LEU B 75 -20.48 31.46 26.10
CA LEU B 75 -21.34 30.53 25.29
C LEU B 75 -22.81 30.64 25.73
N ASN B 76 -23.06 30.77 27.02
CA ASN B 76 -24.42 30.78 27.64
C ASN B 76 -25.09 32.15 27.47
N ASN B 77 -24.38 33.12 26.88
CA ASN B 77 -24.87 34.51 26.72
C ASN B 77 -24.53 35.04 25.30
N PRO B 78 -24.99 34.45 24.16
CA PRO B 78 -24.61 34.91 22.84
C PRO B 78 -25.30 36.20 22.36
N SER B 79 -26.40 36.61 22.99
CA SER B 79 -27.17 37.82 22.59
C SER B 79 -26.49 39.11 23.10
N ARG B 80 -25.41 39.00 23.90
CA ARG B 80 -24.51 40.13 24.26
C ARG B 80 -23.52 40.42 23.12
N CYS B 81 -23.08 39.37 22.39
CA CYS B 81 -21.87 39.41 21.53
C CYS B 81 -22.18 40.00 20.15
N GLU B 82 -21.75 41.24 19.91
CA GLU B 82 -21.93 41.97 18.63
C GLU B 82 -21.40 41.13 17.44
N CYS B 83 -20.45 40.22 17.64
CA CYS B 83 -19.88 39.35 16.57
C CYS B 83 -20.95 38.44 15.96
N LEU B 84 -22.10 38.25 16.62
CA LEU B 84 -23.14 37.26 16.21
C LEU B 84 -24.38 37.93 15.59
N ASP B 85 -24.36 39.24 15.34
CA ASP B 85 -25.57 40.03 14.98
C ASP B 85 -26.12 39.58 13.62
N ASP B 86 -25.27 39.15 12.69
CA ASP B 86 -25.67 38.78 11.31
C ASP B 86 -26.41 37.43 11.29
N LEU B 87 -26.34 36.65 12.36
CA LEU B 87 -27.09 35.36 12.47
C LEU B 87 -28.58 35.63 12.68
N ASP B 88 -29.41 34.74 12.13
CA ASP B 88 -30.88 34.62 12.40
C ASP B 88 -31.09 34.24 13.87
N GLU B 89 -32.24 34.63 14.42
CA GLU B 89 -32.69 34.13 15.74
C GLU B 89 -32.91 32.62 15.60
N PRO B 90 -32.62 31.82 16.64
CA PRO B 90 -32.08 32.30 17.91
C PRO B 90 -30.55 32.38 17.86
N THR B 91 -29.97 33.54 18.18
CA THR B 91 -28.48 33.74 18.12
C THR B 91 -27.81 32.76 19.09
N HIS B 92 -26.81 32.05 18.58
CA HIS B 92 -25.86 31.23 19.36
C HIS B 92 -24.49 31.34 18.70
N PHE B 93 -23.43 31.10 19.46
CA PHE B 93 -22.07 30.86 18.91
C PHE B 93 -22.13 29.60 18.07
N ALA B 94 -21.17 29.41 17.18
CA ALA B 94 -21.10 28.23 16.29
C ALA B 94 -20.69 27.01 17.10
N TYR B 95 -20.15 27.19 18.31
CA TYR B 95 -19.46 26.12 19.07
C TYR B 95 -20.21 25.80 20.35
N ASP B 96 -20.16 24.51 20.75
CA ASP B 96 -20.75 23.97 22.00
C ASP B 96 -19.68 24.00 23.09
N ALA B 97 -20.04 23.60 24.31
CA ALA B 97 -19.19 23.56 25.53
C ALA B 97 -17.92 22.73 25.28
N GLN B 98 -17.98 21.76 24.35
CA GLN B 98 -16.84 20.89 23.96
C GLN B 98 -15.92 21.59 22.94
N GLY B 99 -16.25 22.78 22.47
CA GLY B 99 -15.45 23.49 21.44
C GLY B 99 -15.55 22.84 20.07
N ARG B 100 -16.67 22.22 19.74
CA ARG B 100 -16.99 21.63 18.46
C ARG B 100 -18.05 22.42 17.77
N VAL B 101 -18.10 22.40 16.46
CA VAL B 101 -19.18 23.11 15.73
C VAL B 101 -20.50 22.39 16.02
N ARG B 102 -21.53 23.15 16.40
CA ARG B 102 -22.87 22.59 16.74
C ARG B 102 -23.47 21.93 15.50
N ALA B 103 -24.33 20.92 15.71
CA ALA B 103 -25.02 20.21 14.61
C ALA B 103 -25.94 21.18 13.87
N ASP B 104 -26.41 22.25 14.54
CA ASP B 104 -27.43 23.18 14.00
C ASP B 104 -26.74 24.43 13.43
N THR B 105 -25.41 24.49 13.47
CA THR B 105 -24.64 25.63 12.93
C THR B 105 -24.64 25.53 11.40
N GLY B 106 -24.97 26.64 10.73
CA GLY B 106 -25.00 26.74 9.27
C GLY B 106 -23.60 26.79 8.66
N ALA B 107 -23.51 27.13 7.37
CA ALA B 107 -22.28 27.17 6.55
C ALA B 107 -21.35 28.28 7.03
N VAL B 108 -21.86 29.29 7.73
CA VAL B 108 -21.05 30.49 8.10
C VAL B 108 -20.79 30.51 9.60
N ILE B 109 -19.51 30.50 9.96
CA ILE B 109 -19.04 30.71 11.35
C ILE B 109 -18.54 32.15 11.47
N TYR B 110 -19.03 32.87 12.47
CA TYR B 110 -18.60 34.26 12.80
C TYR B 110 -17.71 34.19 14.04
N GLU B 111 -16.39 34.16 13.84
CA GLU B 111 -15.40 34.18 14.94
C GLU B 111 -15.06 35.62 15.33
N CYS B 112 -14.43 35.75 16.51
CA CYS B 112 -13.96 37.01 17.11
C CYS B 112 -12.67 37.46 16.40
N ASN B 113 -12.27 38.70 16.63
CA ASN B 113 -11.13 39.25 15.88
C ASN B 113 -10.22 40.06 16.80
N SER B 114 -9.21 40.69 16.23
CA SER B 114 -8.22 41.50 16.98
C SER B 114 -8.92 42.71 17.59
N ALA B 115 -9.99 43.15 16.97
CA ALA B 115 -10.78 44.31 17.47
C ALA B 115 -11.63 43.93 18.70
N CYS B 116 -11.83 42.64 18.96
CA CYS B 116 -12.65 42.19 20.11
C CYS B 116 -11.84 42.30 21.41
N SER B 117 -12.51 42.66 22.52
CA SER B 117 -11.87 42.84 23.85
C SER B 117 -11.56 41.49 24.51
N CYS B 118 -12.06 40.37 23.98
CA CYS B 118 -11.87 39.00 24.55
C CYS B 118 -10.46 38.48 24.25
N SER B 119 -9.92 37.65 25.12
CA SER B 119 -8.61 37.09 24.95
C SER B 119 -8.52 36.00 23.91
N MET B 120 -7.31 35.55 23.64
CA MET B 120 -7.13 34.54 22.56
C MET B 120 -7.78 33.20 22.98
N GLU B 121 -8.14 33.05 24.26
CA GLU B 121 -8.75 31.81 24.81
C GLU B 121 -10.29 31.91 24.73
N CYS B 122 -10.84 32.83 23.96
CA CYS B 122 -12.30 32.95 23.70
C CYS B 122 -12.78 31.65 23.05
N PRO B 123 -13.93 31.09 23.48
CA PRO B 123 -14.59 30.00 22.76
C PRO B 123 -14.89 30.30 21.28
N ASN B 124 -14.93 31.57 20.88
CA ASN B 124 -15.31 31.97 19.49
C ASN B 124 -14.05 32.22 18.64
N ARG B 125 -12.91 31.62 19.00
CA ARG B 125 -11.63 31.73 18.22
C ARG B 125 -11.02 30.35 17.97
N VAL B 126 -11.86 29.35 17.67
CA VAL B 126 -11.41 27.94 17.52
C VAL B 126 -10.53 27.81 16.27
N VAL B 127 -11.05 28.20 15.11
CA VAL B 127 -10.32 28.13 13.82
C VAL B 127 -8.99 28.87 13.98
N GLN B 128 -9.05 30.06 14.56
CA GLN B 128 -7.90 30.96 14.76
C GLN B 128 -6.79 30.25 15.56
N ARG B 129 -7.17 29.52 16.62
CA ARG B 129 -6.22 28.79 17.48
C ARG B 129 -5.64 27.59 16.73
N GLY B 130 -6.22 27.24 15.57
CA GLY B 130 -5.62 26.30 14.60
C GLY B 130 -5.70 24.84 15.02
N ARG B 131 -5.08 23.99 14.20
CA ARG B 131 -5.10 22.50 14.29
C ARG B 131 -4.69 22.04 15.69
N THR B 132 -5.39 21.05 16.23
CA THR B 132 -5.15 20.51 17.59
C THR B 132 -4.81 19.02 17.50
N LEU B 133 -5.17 18.37 16.39
CA LEU B 133 -4.96 16.91 16.16
C LEU B 133 -3.60 16.66 15.51
N PRO B 134 -2.86 15.63 15.97
CA PRO B 134 -1.70 15.14 15.21
C PRO B 134 -2.22 14.48 13.93
N LEU B 135 -1.55 14.72 12.81
CA LEU B 135 -1.94 14.15 11.49
C LEU B 135 -0.75 13.44 10.86
N GLU B 136 -1.05 12.64 9.84
CA GLU B 136 -0.07 11.83 9.10
C GLU B 136 -0.36 11.96 7.61
N ILE B 137 0.65 12.42 6.87
CA ILE B 137 0.70 12.34 5.39
C ILE B 137 1.11 10.90 5.08
N PHE B 138 0.25 10.13 4.43
CA PHE B 138 0.53 8.72 4.11
C PHE B 138 0.25 8.50 2.63
N LYS B 139 0.80 7.43 2.08
CA LYS B 139 0.64 7.10 0.65
C LYS B 139 -0.59 6.21 0.51
N THR B 140 -1.61 6.70 -0.18
CA THR B 140 -2.81 5.92 -0.53
C THR B 140 -2.47 4.99 -1.70
N LYS B 141 -3.34 4.03 -1.92
CA LYS B 141 -3.18 2.95 -2.92
C LYS B 141 -3.27 3.55 -4.33
N GLU B 142 -4.27 4.38 -4.62
CA GLU B 142 -4.65 4.73 -6.01
C GLU B 142 -4.78 6.25 -6.23
N LYS B 143 -4.62 7.07 -5.20
CA LYS B 143 -4.96 8.52 -5.25
C LYS B 143 -3.75 9.39 -4.93
N GLY B 144 -2.53 8.84 -4.98
CA GLY B 144 -1.30 9.52 -4.55
C GLY B 144 -1.28 9.69 -3.04
N TRP B 145 -0.76 10.82 -2.55
CA TRP B 145 -0.64 11.08 -1.09
C TRP B 145 -2.01 11.44 -0.49
N GLY B 146 -2.12 11.29 0.82
CA GLY B 146 -3.38 11.48 1.56
C GLY B 146 -3.06 11.84 2.99
N VAL B 147 -4.09 12.13 3.78
CA VAL B 147 -3.90 12.44 5.23
C VAL B 147 -4.90 11.62 6.04
N ARG B 148 -4.51 11.30 7.26
CA ARG B 148 -5.36 10.55 8.20
C ARG B 148 -5.01 11.03 9.61
N SER B 149 -5.94 10.90 10.54
CA SER B 149 -5.68 11.27 11.96
C SER B 149 -5.13 10.04 12.69
N LEU B 150 -4.33 10.30 13.72
CA LEU B 150 -3.76 9.26 14.62
C LEU B 150 -4.70 9.06 15.81
N ARG B 151 -5.58 10.03 16.07
CA ARG B 151 -6.56 10.03 17.19
C ARG B 151 -7.99 10.00 16.64
N PHE B 152 -8.89 9.33 17.38
CA PHE B 152 -10.36 9.45 17.18
C PHE B 152 -10.75 10.94 17.12
N ALA B 153 -11.68 11.29 16.25
CA ALA B 153 -12.22 12.67 16.14
C ALA B 153 -13.74 12.62 16.13
N PRO B 154 -14.42 13.05 17.22
CA PRO B 154 -15.88 13.16 17.23
C PRO B 154 -16.35 14.12 16.14
N ALA B 155 -17.52 13.83 15.56
CA ALA B 155 -18.24 14.74 14.64
C ALA B 155 -18.24 16.15 15.24
N GLY B 156 -17.90 17.15 14.44
CA GLY B 156 -17.88 18.58 14.84
C GLY B 156 -16.49 19.04 15.22
N THR B 157 -15.55 18.11 15.42
CA THR B 157 -14.16 18.43 15.76
C THR B 157 -13.57 19.31 14.65
N PHE B 158 -12.95 20.42 15.02
CA PHE B 158 -12.16 21.24 14.06
C PHE B 158 -10.90 20.47 13.68
N ILE B 159 -10.60 20.41 12.39
CA ILE B 159 -9.39 19.72 11.89
C ILE B 159 -8.30 20.76 11.57
N THR B 160 -8.50 21.57 10.51
CA THR B 160 -7.50 22.53 9.98
C THR B 160 -8.19 23.47 8.98
N CYS B 161 -7.50 24.50 8.49
CA CYS B 161 -7.99 25.36 7.38
C CYS B 161 -7.28 24.99 6.09
N TYR B 162 -7.92 25.26 4.95
CA TYR B 162 -7.28 25.16 3.61
C TYR B 162 -6.58 26.49 3.33
N LEU B 163 -5.25 26.44 3.23
CA LEU B 163 -4.41 27.63 2.95
C LEU B 163 -3.78 27.50 1.57
N GLY B 164 -3.16 28.59 1.11
CA GLY B 164 -2.46 28.61 -0.17
C GLY B 164 -2.20 30.01 -0.65
N GLU B 165 -1.73 30.14 -1.89
CA GLU B 165 -1.65 31.42 -2.60
C GLU B 165 -3.08 31.84 -2.93
N VAL B 166 -3.49 33.03 -2.51
CA VAL B 166 -4.79 33.62 -2.98
C VAL B 166 -4.47 34.36 -4.27
N ILE B 167 -5.20 34.06 -5.35
CA ILE B 167 -4.89 34.59 -6.72
C ILE B 167 -6.17 35.06 -7.43
N THR B 168 -5.98 35.79 -8.53
CA THR B 168 -7.05 36.33 -9.40
C THR B 168 -7.39 35.33 -10.52
N SER B 169 -8.54 35.55 -11.17
CA SER B 169 -8.97 34.86 -12.43
C SER B 169 -7.86 34.96 -13.46
N ALA B 170 -7.38 36.18 -13.71
CA ALA B 170 -6.27 36.47 -14.64
C ALA B 170 -5.12 35.50 -14.35
N GLU B 171 -4.70 35.42 -13.08
CA GLU B 171 -3.55 34.59 -12.64
C GLU B 171 -3.89 33.11 -12.79
N ALA B 172 -5.12 32.70 -12.44
CA ALA B 172 -5.60 31.30 -12.55
C ALA B 172 -5.38 30.79 -13.98
N ALA B 173 -5.77 31.59 -14.98
CA ALA B 173 -5.64 31.27 -16.42
C ALA B 173 -4.15 31.16 -16.77
N LYS B 174 -3.30 32.05 -16.24
CA LYS B 174 -1.83 32.10 -16.54
C LYS B 174 -1.17 30.81 -16.09
N ARG B 175 -1.64 30.21 -15.01
CA ARG B 175 -1.12 28.90 -14.51
C ARG B 175 -1.88 27.80 -15.28
N ASP B 176 -1.24 27.18 -16.28
CA ASP B 176 -1.92 26.17 -17.15
C ASP B 176 -2.47 25.02 -16.30
N LYS B 177 -1.71 24.56 -15.31
CA LYS B 177 -2.21 23.56 -14.31
C LYS B 177 -2.74 22.32 -15.06
N ASN B 178 -1.83 21.55 -15.66
CA ASN B 178 -2.15 20.23 -16.27
C ASN B 178 -2.74 19.32 -15.19
N TYR B 179 -4.03 18.97 -15.32
CA TYR B 179 -4.70 18.07 -14.35
C TYR B 179 -4.44 16.60 -14.73
N ASP B 180 -3.75 16.37 -15.87
CA ASP B 180 -3.44 15.02 -16.36
C ASP B 180 -2.32 14.38 -15.62
N ASP B 181 -1.47 15.21 -15.00
CA ASP B 181 -0.40 14.79 -14.06
C ASP B 181 -1.03 14.56 -12.68
N ASP B 182 -0.27 14.08 -11.72
CA ASP B 182 -0.79 13.79 -10.35
C ASP B 182 0.00 14.66 -9.37
N GLY B 183 -0.51 14.83 -8.15
CA GLY B 183 -0.01 15.83 -7.19
C GLY B 183 -0.47 17.24 -7.55
N ILE B 184 -1.36 17.37 -8.52
CA ILE B 184 -1.84 18.71 -8.97
C ILE B 184 -3.12 19.06 -8.22
N THR B 185 -3.03 20.07 -7.35
CA THR B 185 -4.15 20.56 -6.52
C THR B 185 -5.14 21.30 -7.40
N TYR B 186 -6.38 21.36 -6.96
CA TYR B 186 -7.46 22.15 -7.61
C TYR B 186 -7.54 23.53 -6.97
N LEU B 187 -8.14 24.48 -7.69
CA LEU B 187 -8.37 25.83 -7.15
C LEU B 187 -9.65 25.80 -6.33
N PHE B 188 -9.68 26.55 -5.23
CA PHE B 188 -10.87 26.62 -4.34
C PHE B 188 -11.37 28.06 -4.30
N ASP B 189 -12.39 28.32 -5.13
CA ASP B 189 -13.09 29.61 -5.28
C ASP B 189 -13.51 30.12 -3.91
N LEU B 190 -13.29 31.41 -3.65
CA LEU B 190 -13.73 32.13 -2.44
C LEU B 190 -15.01 32.89 -2.81
N ASP B 191 -16.04 32.16 -3.23
CA ASP B 191 -17.27 32.71 -3.87
C ASP B 191 -18.46 32.65 -2.90
N MET B 192 -18.26 32.29 -1.63
CA MET B 192 -19.35 32.05 -0.65
C MET B 192 -20.19 33.32 -0.47
N PHE B 193 -19.61 34.52 -0.66
CA PHE B 193 -20.29 35.81 -0.38
C PHE B 193 -20.34 36.71 -1.62
N ASP B 194 -19.18 37.02 -2.22
CA ASP B 194 -19.04 37.97 -3.35
C ASP B 194 -18.82 37.19 -4.64
N ASP B 195 -19.11 37.78 -5.80
CA ASP B 195 -18.86 37.14 -7.13
C ASP B 195 -17.96 38.04 -7.98
N ALA B 196 -17.91 39.33 -7.66
CA ALA B 196 -17.04 40.30 -8.37
C ALA B 196 -15.57 39.98 -8.10
N SER B 197 -15.24 39.57 -6.87
CA SER B 197 -13.84 39.32 -6.40
C SER B 197 -13.17 38.27 -7.30
N GLU B 198 -13.81 37.11 -7.43
CA GLU B 198 -13.31 35.96 -8.22
C GLU B 198 -11.94 35.49 -7.68
N TYR B 199 -11.66 35.70 -6.39
CA TYR B 199 -10.41 35.22 -5.74
C TYR B 199 -10.48 33.69 -5.59
N THR B 200 -9.33 33.01 -5.69
CA THR B 200 -9.23 31.53 -5.58
C THR B 200 -7.98 31.12 -4.79
N VAL B 201 -8.00 29.93 -4.17
CA VAL B 201 -6.85 29.42 -3.38
C VAL B 201 -6.19 28.27 -4.13
N ASP B 202 -4.92 28.46 -4.48
CA ASP B 202 -4.05 27.47 -5.16
C ASP B 202 -2.98 27.03 -4.17
N ALA B 203 -2.98 25.76 -3.78
CA ALA B 203 -2.08 25.19 -2.75
C ALA B 203 -0.89 24.46 -3.37
N GLN B 204 -0.62 24.64 -4.67
CA GLN B 204 0.46 23.89 -5.37
C GLN B 204 1.80 24.08 -4.65
N ASN B 205 2.23 25.33 -4.46
CA ASN B 205 3.59 25.68 -3.97
C ASN B 205 3.55 26.03 -2.48
N TYR B 206 2.45 26.59 -2.01
CA TYR B 206 2.29 27.05 -0.60
C TYR B 206 0.97 26.50 -0.10
N GLY B 207 0.93 25.99 1.12
CA GLY B 207 -0.34 25.59 1.75
C GLY B 207 -0.20 24.96 3.11
N ASP B 208 -1.23 24.22 3.48
CA ASP B 208 -1.39 23.57 4.80
C ASP B 208 -1.34 22.07 4.57
N VAL B 209 -1.54 21.26 5.61
CA VAL B 209 -1.62 19.78 5.48
C VAL B 209 -2.84 19.42 4.61
N SER B 210 -3.90 20.23 4.69
CA SER B 210 -5.15 20.06 3.92
C SER B 210 -4.87 20.01 2.41
N ARG B 211 -3.71 20.45 1.95
CA ARG B 211 -3.32 20.39 0.52
C ARG B 211 -3.28 18.93 0.07
N PHE B 212 -3.07 18.00 1.01
CA PHE B 212 -2.97 16.53 0.74
C PHE B 212 -4.27 15.80 1.05
N PHE B 213 -5.32 16.47 1.55
CA PHE B 213 -6.67 15.86 1.69
C PHE B 213 -7.19 15.48 0.30
N ASN B 214 -7.77 14.29 0.18
CA ASN B 214 -8.31 13.76 -1.10
C ASN B 214 -9.82 13.98 -1.15
N HIS B 215 -10.39 13.83 -2.35
CA HIS B 215 -11.85 13.95 -2.58
C HIS B 215 -12.53 12.62 -2.26
N SER B 216 -13.68 12.69 -1.60
CA SER B 216 -14.63 11.55 -1.49
C SER B 216 -16.02 12.01 -1.86
N CYS B 217 -16.76 11.16 -2.57
CA CYS B 217 -18.20 11.35 -2.84
C CYS B 217 -18.99 11.06 -1.56
N SER B 218 -18.33 10.52 -0.53
CA SER B 218 -18.92 10.15 0.79
C SER B 218 -18.03 10.67 1.91
N PRO B 219 -17.84 12.01 2.02
CA PRO B 219 -16.81 12.57 2.88
C PRO B 219 -17.08 12.47 4.39
N ASN B 220 -16.02 12.58 5.19
CA ASN B 220 -16.06 12.61 6.69
C ASN B 220 -15.71 14.00 7.20
N ILE B 221 -15.34 14.94 6.33
CA ILE B 221 -15.09 16.36 6.74
C ILE B 221 -15.65 17.30 5.69
N ALA B 222 -15.91 18.54 6.10
CA ALA B 222 -16.56 19.57 5.25
C ALA B 222 -16.02 20.96 5.58
N ILE B 223 -16.16 21.87 4.61
CA ILE B 223 -15.70 23.27 4.77
C ILE B 223 -16.84 24.11 5.37
N TYR B 224 -16.52 24.82 6.46
CA TYR B 224 -17.34 25.91 7.01
C TYR B 224 -16.61 27.22 6.65
N SER B 225 -17.32 28.17 6.04
CA SER B 225 -16.81 29.52 5.76
C SER B 225 -16.73 30.28 7.09
N ALA B 226 -15.52 30.44 7.63
CA ALA B 226 -15.27 31.06 8.95
C ALA B 226 -14.82 32.51 8.77
N VAL B 227 -15.72 33.44 9.04
CA VAL B 227 -15.51 34.91 8.83
C VAL B 227 -15.17 35.58 10.17
N ARG B 228 -14.16 36.44 10.16
CA ARG B 228 -13.79 37.29 11.32
C ARG B 228 -13.89 38.75 10.90
N ASN B 229 -13.25 39.12 9.79
CA ASN B 229 -13.15 40.53 9.32
C ASN B 229 -14.52 41.01 8.83
N HIS B 230 -14.86 42.25 9.18
CA HIS B 230 -16.20 42.84 8.93
C HIS B 230 -16.19 43.68 7.65
N GLY B 231 -15.13 43.63 6.84
CA GLY B 231 -15.08 44.31 5.53
C GLY B 231 -16.00 43.65 4.51
N ALA B 232 -15.76 43.88 3.21
CA ALA B 232 -16.19 42.98 2.11
C ALA B 232 -15.54 41.62 2.31
N ARG B 233 -16.29 40.54 2.09
CA ARG B 233 -15.84 39.15 2.40
C ARG B 233 -15.38 38.47 1.11
N THR B 234 -14.36 39.05 0.48
CA THR B 234 -13.68 38.52 -0.72
C THR B 234 -12.71 37.44 -0.29
N ILE B 235 -12.17 37.56 0.93
CA ILE B 235 -11.20 36.63 1.56
C ILE B 235 -11.70 36.23 2.96
N TYR B 236 -11.83 34.93 3.21
CA TYR B 236 -12.29 34.33 4.48
C TYR B 236 -11.65 32.94 4.63
N ASP B 237 -11.75 32.36 5.82
CA ASP B 237 -11.10 31.08 6.16
C ASP B 237 -11.95 29.90 5.69
N LEU B 238 -11.31 28.93 5.04
CA LEU B 238 -11.91 27.66 4.59
C LEU B 238 -11.63 26.62 5.67
N ALA B 239 -12.57 26.41 6.61
CA ALA B 239 -12.36 25.69 7.87
C ALA B 239 -12.94 24.29 7.78
N PHE B 240 -12.10 23.27 7.89
CA PHE B 240 -12.54 21.85 7.89
C PHE B 240 -13.02 21.47 9.29
N PHE B 241 -14.23 20.92 9.35
CA PHE B 241 -14.77 20.22 10.55
C PHE B 241 -15.22 18.81 10.18
N ALA B 242 -15.14 17.90 11.15
CA ALA B 242 -15.67 16.52 11.04
C ALA B 242 -17.19 16.57 10.92
N ILE B 243 -17.74 15.92 9.90
CA ILE B 243 -19.22 15.78 9.75
C ILE B 243 -19.65 14.37 10.11
N LYS B 244 -18.69 13.52 10.51
CA LYS B 244 -18.90 12.12 10.96
C LYS B 244 -17.84 11.80 12.01
N ASP B 245 -18.12 10.88 12.91
CA ASP B 245 -17.12 10.37 13.88
C ASP B 245 -16.03 9.74 13.03
N ILE B 246 -14.76 10.04 13.31
CA ILE B 246 -13.60 9.60 12.47
C ILE B 246 -12.70 8.70 13.32
N GLN B 247 -12.50 7.47 12.86
CA GLN B 247 -11.66 6.47 13.55
C GLN B 247 -10.19 6.88 13.41
N PRO B 248 -9.30 6.43 14.32
CA PRO B 248 -7.87 6.60 14.11
C PRO B 248 -7.42 5.89 12.82
N LEU B 249 -6.56 6.54 12.04
CA LEU B 249 -5.96 6.04 10.78
C LEU B 249 -6.99 6.08 9.64
N GLU B 250 -8.13 6.75 9.82
CA GLU B 250 -9.17 6.89 8.77
C GLU B 250 -8.77 8.08 7.88
N GLU B 251 -8.70 7.86 6.56
CA GLU B 251 -8.34 8.92 5.59
C GLU B 251 -9.34 10.07 5.69
N LEU B 252 -8.82 11.29 5.90
CA LEU B 252 -9.62 12.54 5.86
C LEU B 252 -9.90 12.90 4.41
N THR B 253 -11.18 12.99 4.06
CA THR B 253 -11.64 13.30 2.68
C THR B 253 -12.78 14.30 2.74
N PHE B 254 -12.82 15.26 1.83
CA PHE B 254 -13.95 16.19 1.69
C PHE B 254 -14.48 16.11 0.26
N ASP B 255 -15.66 16.67 0.03
CA ASP B 255 -16.32 16.71 -1.30
C ASP B 255 -15.81 17.96 -2.04
N TYR B 256 -14.87 17.79 -2.97
CA TYR B 256 -14.24 18.88 -3.76
C TYR B 256 -15.32 19.78 -4.41
N ALA B 257 -16.44 19.21 -4.85
CA ALA B 257 -17.54 19.95 -5.54
C ALA B 257 -18.28 20.90 -4.58
N GLY B 258 -18.10 20.76 -3.26
CA GLY B 258 -18.76 21.56 -2.22
C GLY B 258 -19.73 20.70 -1.45
N LYS B 277 -11.64 19.19 -19.10
CA LYS B 277 -10.16 19.14 -18.97
C LYS B 277 -9.76 19.16 -17.48
N LEU B 278 -10.67 19.59 -16.59
CA LEU B 278 -10.41 19.51 -15.14
C LEU B 278 -10.89 18.12 -14.72
N ARG B 279 -11.28 17.30 -15.69
CA ARG B 279 -11.89 15.99 -15.39
C ARG B 279 -10.88 14.99 -14.85
N ARG B 280 -11.30 14.23 -13.85
CA ARG B 280 -10.52 13.19 -13.26
C ARG B 280 -11.47 12.15 -12.72
N GLN B 281 -11.14 10.89 -12.96
CA GLN B 281 -11.98 9.74 -12.55
C GLN B 281 -11.76 9.44 -11.05
N CYS B 282 -12.87 9.24 -10.34
CA CYS B 282 -12.93 9.14 -8.86
C CYS B 282 -12.60 7.71 -8.42
N LYS B 283 -11.70 7.58 -7.45
CA LYS B 283 -11.26 6.28 -6.87
C LYS B 283 -11.61 6.25 -5.38
N CYS B 284 -12.65 6.95 -4.95
CA CYS B 284 -13.01 7.09 -3.51
C CYS B 284 -13.63 5.77 -3.00
N GLY B 285 -14.30 5.03 -3.89
CA GLY B 285 -14.79 3.67 -3.62
C GLY B 285 -16.09 3.65 -2.84
N SER B 286 -16.72 4.82 -2.63
CA SER B 286 -18.05 4.94 -1.97
C SER B 286 -19.08 4.26 -2.85
N ALA B 287 -20.13 3.72 -2.22
CA ALA B 287 -21.31 3.13 -2.91
C ALA B 287 -22.00 4.23 -3.74
N ASN B 288 -22.02 5.45 -3.21
CA ASN B 288 -22.66 6.64 -3.83
C ASN B 288 -21.75 7.24 -4.92
N CYS B 289 -20.55 6.71 -5.14
CA CYS B 289 -19.49 7.35 -5.97
C CYS B 289 -20.10 7.87 -7.29
N ARG B 290 -19.79 9.12 -7.63
CA ARG B 290 -20.34 9.85 -8.81
C ARG B 290 -19.45 9.62 -10.05
N GLY B 291 -18.27 9.02 -9.87
CA GLY B 291 -17.35 8.70 -10.97
C GLY B 291 -16.41 9.84 -11.33
N TRP B 292 -16.66 11.07 -10.86
CA TRP B 292 -15.89 12.29 -11.22
C TRP B 292 -15.59 13.10 -9.96
N LEU B 293 -14.52 13.91 -10.01
CA LEU B 293 -14.13 14.84 -8.90
C LEU B 293 -14.90 16.17 -9.00
N PHE B 294 -14.65 16.97 -10.06
CA PHE B 294 -15.21 18.32 -10.33
C PHE B 294 -14.34 19.39 -9.65
ZN ZN C . 26.79 -39.44 -2.89
ZN ZN D . 23.03 -39.75 -3.26
ZN ZN E . 24.36 -37.48 -0.50
ZN ZN F . 6.36 -6.86 -16.59
N SAH G . -1.17 -11.94 -6.38
CA SAH G . -1.69 -13.31 -6.15
CB SAH G . -0.55 -14.28 -5.84
CG SAH G . 0.06 -14.93 -7.06
SD SAH G . -1.13 -15.96 -7.94
C SAH G . -2.70 -13.28 -5.00
O SAH G . -3.15 -12.18 -4.67
OXT SAH G . -3.05 -14.33 -4.46
C5' SAH G . -0.96 -15.34 -9.63
C4' SAH G . -1.78 -14.12 -9.97
O4' SAH G . -1.11 -12.93 -9.51
C3' SAH G . -1.97 -13.89 -11.46
O3' SAH G . -3.04 -14.67 -11.97
C2' SAH G . -2.26 -12.39 -11.51
O2' SAH G . -3.63 -12.10 -11.29
C1' SAH G . -1.39 -11.85 -10.37
N9 SAH G . -0.12 -11.30 -10.82
C8 SAH G . 1.12 -11.85 -10.66
N7 SAH G . 2.09 -11.14 -11.16
C5 SAH G . 1.46 -10.04 -11.72
C6 SAH G . 1.95 -8.92 -12.41
N6 SAH G . 3.23 -8.73 -12.68
N1 SAH G . 1.05 -8.02 -12.85
C2 SAH G . -0.25 -8.23 -12.58
N3 SAH G . -0.83 -9.24 -11.92
C4 SAH G . 0.09 -10.13 -11.52
MG MG H . 6.98 -25.03 -19.22
ZN ZN I . -18.21 38.66 22.23
ZN ZN J . -14.81 36.58 21.75
ZN ZN K . -15.97 39.18 19.07
ZN ZN L . -16.17 8.93 -5.74
N SAH M . -3.37 12.95 -3.70
CA SAH M . -2.72 14.27 -3.92
CB SAH M . -3.10 15.28 -2.81
CG SAH M . -4.43 15.97 -3.04
SD SAH M . -4.37 17.18 -4.37
C SAH M . -1.20 14.09 -3.94
O SAH M . -0.68 12.96 -4.07
OXT SAH M . -0.46 15.08 -3.83
C5' SAH M . -5.62 16.62 -5.56
C4' SAH M . -5.19 15.49 -6.46
O4' SAH M . -5.27 14.24 -5.73
C3' SAH M . -6.06 15.27 -7.70
O3' SAH M . -5.62 16.03 -8.82
C2' SAH M . -5.84 13.78 -7.96
O2' SAH M . -4.62 13.57 -8.64
C1' SAH M . -5.79 13.22 -6.54
N9 SAH M . -7.09 12.81 -6.01
C8 SAH M . -7.74 13.36 -4.94
N7 SAH M . -8.89 12.79 -4.65
C5 SAH M . -8.99 11.77 -5.58
C6 SAH M . -9.97 10.78 -5.79
N6 SAH M . -11.08 10.67 -5.07
N1 SAH M . -9.77 9.92 -6.81
C2 SAH M . -8.65 10.03 -7.53
N3 SAH M . -7.66 10.91 -7.43
C4 SAH M . -7.89 11.76 -6.42
MG MG N . 3.97 33.91 -3.82
#